data_7ERH
#
_entry.id   7ERH
#
_cell.length_a   42.342
_cell.length_b   85.371
_cell.length_c   64.289
_cell.angle_alpha   90.00
_cell.angle_beta   90.00
_cell.angle_gamma   90.00
#
_symmetry.space_group_name_H-M   'P 21 21 2'
#
loop_
_entity.id
_entity.type
_entity.pdbx_description
1 polymer Transthyretin
2 non-polymer "2,2'-sulfanediylbis(4,6-dichlorophenol)"
3 non-polymer 'CALCIUM ION'
4 water water
#
_entity_poly.entity_id   1
_entity_poly.type   'polypeptide(L)'
_entity_poly.pdbx_seq_one_letter_code
;MRGSHHHHHHGSMASHRLLLLCLAGLVFVSEAGPTGTGESKCPLMVKVLDAVRGSPAINVAVHVFRKAADDTWEPFASGK
TSESGELHGLTTEEEFVEGIYKVEIDTKSYWKALGISPFHEHAEVVFTANDSGPRRYTIAALLSPYSYSTTAVVTNPKE
;
_entity_poly.pdbx_strand_id   A,B
#
loop_
_chem_comp.id
_chem_comp.type
_chem_comp.name
_chem_comp.formula
B1T non-polymer 2,2'-sulfanediylbis(4,6-dichlorophenol) 'C12 H6 Cl4 O2 S'
CA non-polymer 'CALCIUM ION' 'Ca 2'
#
# COMPACT_ATOMS: atom_id res chain seq x y z
N CYS A 42 -16.93 -17.40 -0.10
CA CYS A 42 -15.56 -16.89 -0.07
C CYS A 42 -15.60 -15.37 0.12
N PRO A 43 -15.46 -14.92 1.37
CA PRO A 43 -15.65 -13.50 1.67
C PRO A 43 -14.44 -12.62 1.40
N LEU A 44 -13.26 -13.19 1.21
CA LEU A 44 -12.05 -12.39 0.99
C LEU A 44 -11.19 -13.12 -0.03
N MET A 45 -11.02 -12.51 -1.20
CA MET A 45 -10.21 -13.10 -2.26
CA MET A 45 -10.23 -13.09 -2.29
C MET A 45 -9.21 -12.06 -2.73
N VAL A 46 -8.05 -12.53 -3.22
CA VAL A 46 -6.99 -11.62 -3.66
C VAL A 46 -6.57 -12.04 -5.07
N LYS A 47 -6.43 -11.06 -5.97
CA LYS A 47 -6.01 -11.30 -7.34
CA LYS A 47 -6.00 -11.31 -7.33
C LYS A 47 -4.80 -10.43 -7.62
N VAL A 48 -3.77 -11.01 -8.24
CA VAL A 48 -2.53 -10.28 -8.51
C VAL A 48 -2.14 -10.47 -9.97
N LEU A 49 -1.85 -9.37 -10.67
CA LEU A 49 -1.43 -9.38 -12.06
C LEU A 49 -0.07 -8.74 -12.21
N ASP A 50 0.67 -9.19 -13.22
CA ASP A 50 2.02 -8.72 -13.52
C ASP A 50 1.92 -7.84 -14.76
N ALA A 51 2.22 -6.55 -14.59
CA ALA A 51 2.08 -5.56 -15.64
C ALA A 51 3.28 -5.52 -16.60
N VAL A 52 4.37 -6.23 -16.28
CA VAL A 52 5.52 -6.34 -17.17
C VAL A 52 5.29 -7.43 -18.20
N ARG A 53 4.80 -8.58 -17.74
CA ARG A 53 4.62 -9.74 -18.59
CA ARG A 53 4.61 -9.76 -18.56
C ARG A 53 3.21 -9.86 -19.15
N GLY A 54 2.23 -9.15 -18.59
CA GLY A 54 0.87 -9.30 -19.06
C GLY A 54 0.32 -10.66 -18.69
N SER A 55 0.44 -11.03 -17.42
CA SER A 55 0.10 -12.38 -17.00
C SER A 55 -0.38 -12.30 -15.55
N PRO A 56 -1.07 -13.33 -15.07
CA PRO A 56 -1.25 -13.46 -13.62
C PRO A 56 0.11 -13.50 -12.95
N ALA A 57 0.15 -12.99 -11.73
CA ALA A 57 1.33 -13.11 -10.88
C ALA A 57 1.13 -14.36 -10.03
N ILE A 58 1.88 -15.43 -10.34
CA ILE A 58 1.72 -16.75 -9.74
C ILE A 58 2.64 -16.88 -8.55
N ASN A 59 2.19 -17.63 -7.53
CA ASN A 59 3.02 -17.96 -6.37
C ASN A 59 3.40 -16.73 -5.55
N VAL A 60 2.54 -15.72 -5.50
CA VAL A 60 2.76 -14.54 -4.69
C VAL A 60 2.24 -14.81 -3.28
N ALA A 61 3.10 -14.65 -2.28
CA ALA A 61 2.66 -14.85 -0.90
C ALA A 61 1.80 -13.66 -0.44
N VAL A 62 0.74 -13.96 0.32
CA VAL A 62 -0.16 -12.95 0.85
C VAL A 62 -0.44 -13.27 2.31
N HIS A 63 -0.24 -12.28 3.18
CA HIS A 63 -0.51 -12.43 4.62
C HIS A 63 -1.58 -11.44 5.01
N VAL A 64 -2.61 -11.93 5.72
CA VAL A 64 -3.70 -11.09 6.18
C VAL A 64 -3.58 -10.97 7.68
N PHE A 65 -3.74 -9.75 8.19
CA PHE A 65 -3.71 -9.47 9.63
C PHE A 65 -4.99 -8.76 10.01
N ARG A 66 -5.36 -8.86 11.29
CA ARG A 66 -6.52 -8.17 11.82
C ARG A 66 -6.09 -7.42 13.08
N LYS A 67 -6.51 -6.17 13.21
CA LYS A 67 -6.13 -5.37 14.36
C LYS A 67 -6.82 -5.88 15.62
N ALA A 68 -6.02 -6.19 16.64
CA ALA A 68 -6.51 -6.73 17.90
C ALA A 68 -6.96 -5.59 18.81
N ALA A 69 -7.53 -5.99 19.95
CA ALA A 69 -8.06 -5.01 20.90
C ALA A 69 -6.94 -4.14 21.45
N ASP A 70 -5.73 -4.66 21.55
CA ASP A 70 -4.58 -3.90 22.01
C ASP A 70 -3.89 -3.12 20.90
N ASP A 71 -4.52 -3.01 19.72
CA ASP A 71 -4.05 -2.25 18.57
C ASP A 71 -2.85 -2.85 17.86
N THR A 72 -2.51 -4.11 18.14
CA THR A 72 -1.48 -4.78 17.36
C THR A 72 -2.10 -5.54 16.20
N TRP A 73 -1.26 -5.88 15.23
CA TRP A 73 -1.68 -6.64 14.05
C TRP A 73 -1.56 -8.13 14.34
N GLU A 74 -2.70 -8.78 14.54
CA GLU A 74 -2.62 -10.22 14.80
C GLU A 74 -2.73 -10.98 13.48
N PRO A 75 -1.97 -12.06 13.32
CA PRO A 75 -2.10 -12.85 12.09
C PRO A 75 -3.51 -13.41 11.96
N PHE A 76 -4.04 -13.35 10.75
CA PHE A 76 -5.41 -13.76 10.49
C PHE A 76 -5.51 -14.91 9.49
N ALA A 77 -4.80 -14.82 8.37
CA ALA A 77 -4.80 -15.88 7.38
C ALA A 77 -3.66 -15.61 6.42
N SER A 78 -3.21 -16.66 5.71
CA SER A 78 -2.22 -16.43 4.66
C SER A 78 -2.36 -17.49 3.56
N GLY A 79 -1.76 -17.21 2.42
CA GLY A 79 -1.76 -18.14 1.31
C GLY A 79 -0.90 -17.62 0.18
N LYS A 80 -1.00 -18.29 -0.96
CA LYS A 80 -0.25 -17.83 -2.13
C LYS A 80 -1.12 -17.91 -3.37
N THR A 81 -0.86 -17.01 -4.32
CA THR A 81 -1.68 -17.02 -5.54
C THR A 81 -1.42 -18.26 -6.40
N SER A 82 -2.47 -18.71 -7.05
CA SER A 82 -2.43 -19.87 -7.92
C SER A 82 -1.90 -19.49 -9.31
N GLU A 83 -1.98 -20.43 -10.25
CA GLU A 83 -1.58 -20.18 -11.63
C GLU A 83 -2.46 -19.15 -12.30
N SER A 84 -3.66 -18.90 -11.78
CA SER A 84 -4.54 -17.86 -12.30
C SER A 84 -4.31 -16.51 -11.66
N GLY A 85 -3.34 -16.42 -10.75
CA GLY A 85 -3.11 -15.21 -9.98
C GLY A 85 -4.11 -14.97 -8.89
N GLU A 86 -4.98 -15.92 -8.60
CA GLU A 86 -6.01 -15.76 -7.59
C GLU A 86 -5.68 -16.54 -6.33
N LEU A 87 -6.09 -15.99 -5.18
CA LEU A 87 -5.92 -16.65 -3.89
C LEU A 87 -7.30 -16.76 -3.27
N HIS A 88 -7.81 -17.98 -3.21
CA HIS A 88 -9.11 -18.29 -2.63
C HIS A 88 -8.91 -19.07 -1.33
N GLY A 89 -9.97 -19.10 -0.51
CA GLY A 89 -9.95 -19.92 0.67
C GLY A 89 -9.23 -19.35 1.86
N LEU A 90 -8.90 -18.04 1.86
CA LEU A 90 -8.22 -17.45 3.00
C LEU A 90 -9.03 -17.62 4.28
N THR A 91 -10.34 -17.40 4.21
CA THR A 91 -11.13 -17.36 5.44
C THR A 91 -12.55 -17.86 5.15
N THR A 92 -13.39 -17.77 6.16
CA THR A 92 -14.78 -18.21 6.09
C THR A 92 -15.68 -17.10 6.59
N GLU A 93 -16.98 -17.24 6.27
CA GLU A 93 -17.98 -16.28 6.76
C GLU A 93 -17.96 -16.19 8.28
N GLU A 94 -17.73 -17.30 8.98
CA GLU A 94 -17.75 -17.28 10.44
C GLU A 94 -16.53 -16.57 11.00
N GLU A 95 -15.36 -16.83 10.42
CA GLU A 95 -14.12 -16.28 10.93
C GLU A 95 -13.94 -14.81 10.59
N PHE A 96 -14.48 -14.37 9.45
CA PHE A 96 -14.21 -13.03 8.93
C PHE A 96 -15.19 -12.03 9.52
N VAL A 97 -14.97 -11.72 10.79
CA VAL A 97 -15.81 -10.82 11.57
C VAL A 97 -15.48 -9.37 11.24
N GLU A 98 -16.27 -8.43 11.78
CA GLU A 98 -15.90 -7.02 11.70
C GLU A 98 -14.48 -6.81 12.20
N GLY A 99 -13.80 -5.83 11.61
CA GLY A 99 -12.52 -5.43 12.13
C GLY A 99 -11.78 -4.62 11.10
N ILE A 100 -10.58 -4.22 11.46
CA ILE A 100 -9.65 -3.57 10.54
C ILE A 100 -8.64 -4.61 10.11
N TYR A 101 -8.58 -4.86 8.81
CA TYR A 101 -7.72 -5.89 8.24
C TYR A 101 -6.61 -5.27 7.41
N LYS A 102 -5.48 -5.98 7.39
CA LYS A 102 -4.34 -5.58 6.56
C LYS A 102 -3.98 -6.78 5.68
N VAL A 103 -3.95 -6.56 4.38
CA VAL A 103 -3.55 -7.57 3.42
C VAL A 103 -2.18 -7.16 2.91
N GLU A 104 -1.16 -7.96 3.20
CA GLU A 104 0.21 -7.67 2.83
C GLU A 104 0.59 -8.62 1.70
N ILE A 105 0.82 -8.09 0.51
CA ILE A 105 1.16 -8.88 -0.67
C ILE A 105 2.67 -8.81 -0.86
N ASP A 106 3.34 -9.97 -0.87
CA ASP A 106 4.80 -10.01 -0.89
C ASP A 106 5.34 -9.81 -2.31
N THR A 107 5.26 -8.56 -2.75
CA THR A 107 5.68 -8.24 -4.11
C THR A 107 7.19 -8.32 -4.26
N LYS A 108 7.96 -8.04 -3.20
CA LYS A 108 9.42 -8.08 -3.33
C LYS A 108 9.92 -9.47 -3.66
N SER A 109 9.46 -10.49 -2.92
CA SER A 109 9.86 -11.86 -3.22
C SER A 109 9.45 -12.27 -4.64
N TYR A 110 8.28 -11.81 -5.09
CA TYR A 110 7.83 -12.13 -6.44
C TYR A 110 8.83 -11.64 -7.48
N TRP A 111 9.20 -10.36 -7.38
CA TRP A 111 10.14 -9.80 -8.34
C TRP A 111 11.52 -10.43 -8.20
N LYS A 112 11.98 -10.65 -6.97
CA LYS A 112 13.30 -11.25 -6.78
C LYS A 112 13.38 -12.65 -7.38
N ALA A 113 12.30 -13.43 -7.28
CA ALA A 113 12.31 -14.77 -7.86
C ALA A 113 12.43 -14.72 -9.37
N LEU A 114 11.99 -13.62 -9.99
CA LEU A 114 12.15 -13.40 -11.42
C LEU A 114 13.44 -12.66 -11.74
N GLY A 115 14.39 -12.65 -10.81
CA GLY A 115 15.66 -11.98 -11.03
C GLY A 115 15.60 -10.48 -11.13
N ILE A 116 14.55 -9.85 -10.59
CA ILE A 116 14.33 -8.41 -10.68
C ILE A 116 14.46 -7.79 -9.29
N SER A 117 15.11 -6.62 -9.21
CA SER A 117 15.25 -5.89 -7.96
C SER A 117 14.18 -4.79 -7.88
N PRO A 118 13.10 -4.99 -7.14
CA PRO A 118 12.00 -4.03 -7.16
C PRO A 118 12.17 -2.95 -6.09
N PHE A 119 11.28 -1.96 -6.15
CA PHE A 119 11.36 -0.82 -5.23
C PHE A 119 10.70 -1.12 -3.88
N HIS A 120 9.48 -1.64 -3.89
CA HIS A 120 8.68 -1.76 -2.68
C HIS A 120 8.99 -3.05 -1.93
N GLU A 121 8.82 -3.00 -0.61
CA GLU A 121 8.93 -4.22 0.18
C GLU A 121 7.72 -5.11 -0.03
N HIS A 122 6.54 -4.51 -0.16
CA HIS A 122 5.30 -5.24 -0.34
C HIS A 122 4.25 -4.23 -0.77
N ALA A 123 3.06 -4.73 -1.06
CA ALA A 123 1.90 -3.89 -1.31
C ALA A 123 0.94 -4.16 -0.16
N GLU A 124 0.55 -3.12 0.56
CA GLU A 124 -0.33 -3.23 1.71
C GLU A 124 -1.70 -2.65 1.39
N VAL A 125 -2.75 -3.34 1.82
CA VAL A 125 -4.11 -2.84 1.72
C VAL A 125 -4.71 -2.91 3.12
N VAL A 126 -5.12 -1.76 3.67
CA VAL A 126 -5.67 -1.70 5.03
C VAL A 126 -7.08 -1.13 4.96
N PHE A 127 -8.05 -1.85 5.53
CA PHE A 127 -9.44 -1.43 5.38
C PHE A 127 -10.27 -1.96 6.54
N THR A 128 -11.34 -1.23 6.85
CA THR A 128 -12.37 -1.74 7.75
C THR A 128 -13.34 -2.63 6.98
N ALA A 129 -13.63 -3.80 7.53
CA ALA A 129 -14.46 -4.79 6.87
C ALA A 129 -15.72 -5.06 7.68
N ASN A 130 -16.83 -5.27 6.95
CA ASN A 130 -18.10 -5.77 7.49
C ASN A 130 -18.78 -4.81 8.45
N ASP A 131 -18.49 -3.51 8.40
CA ASP A 131 -19.05 -2.58 9.41
C ASP A 131 -20.56 -2.42 9.26
N SER A 132 -21.10 -2.55 8.05
CA SER A 132 -22.54 -2.52 7.83
C SER A 132 -23.09 -3.90 7.52
N GLY A 133 -22.47 -4.95 8.07
CA GLY A 133 -22.85 -6.31 7.79
C GLY A 133 -21.86 -6.99 6.86
N PRO A 134 -21.99 -8.31 6.74
CA PRO A 134 -21.05 -9.08 5.93
C PRO A 134 -21.05 -8.61 4.47
N ARG A 135 -19.85 -8.47 3.92
CA ARG A 135 -19.65 -8.20 2.51
C ARG A 135 -18.61 -9.17 1.99
N ARG A 136 -18.53 -9.28 0.66
CA ARG A 136 -17.50 -10.05 -0.02
C ARG A 136 -16.51 -9.08 -0.64
N TYR A 137 -15.23 -9.31 -0.39
CA TYR A 137 -14.17 -8.39 -0.78
C TYR A 137 -13.22 -9.08 -1.74
N THR A 138 -12.99 -8.45 -2.88
CA THR A 138 -11.91 -8.88 -3.79
C THR A 138 -10.89 -7.75 -3.81
N ILE A 139 -9.66 -8.07 -3.44
CA ILE A 139 -8.55 -7.12 -3.47
C ILE A 139 -7.72 -7.48 -4.68
N ALA A 140 -7.62 -6.57 -5.64
CA ALA A 140 -6.81 -6.78 -6.83
C ALA A 140 -5.58 -5.90 -6.76
N ALA A 141 -4.44 -6.44 -7.22
CA ALA A 141 -3.19 -5.69 -7.24
C ALA A 141 -2.51 -5.88 -8.59
N LEU A 142 -2.08 -4.77 -9.19
CA LEU A 142 -1.40 -4.78 -10.48
C LEU A 142 0.02 -4.33 -10.23
N LEU A 143 1.00 -5.18 -10.58
CA LEU A 143 2.38 -5.01 -10.12
C LEU A 143 3.33 -4.62 -11.25
N SER A 144 4.18 -3.64 -10.98
CA SER A 144 5.33 -3.30 -11.78
C SER A 144 6.51 -3.18 -10.83
N PRO A 145 7.76 -3.22 -11.34
CA PRO A 145 8.90 -3.16 -10.40
C PRO A 145 8.92 -1.92 -9.53
N TYR A 146 8.51 -0.76 -10.04
CA TYR A 146 8.56 0.49 -9.28
C TYR A 146 7.17 1.07 -9.00
N SER A 147 6.11 0.27 -9.16
CA SER A 147 4.77 0.82 -9.04
C SER A 147 3.80 -0.30 -8.76
N TYR A 148 2.70 0.02 -8.09
CA TYR A 148 1.60 -0.92 -8.00
C TYR A 148 0.29 -0.18 -7.86
N SER A 149 -0.78 -0.80 -8.31
CA SER A 149 -2.13 -0.29 -8.13
C SER A 149 -2.90 -1.34 -7.36
N THR A 150 -3.79 -0.89 -6.49
CA THR A 150 -4.69 -1.81 -5.81
C THR A 150 -6.10 -1.27 -5.88
N THR A 151 -7.05 -2.18 -6.02
CA THR A 151 -8.44 -1.81 -6.09
C THR A 151 -9.23 -2.81 -5.27
N ALA A 152 -10.37 -2.39 -4.78
CA ALA A 152 -11.26 -3.30 -4.06
C ALA A 152 -12.59 -3.36 -4.76
N VAL A 153 -13.13 -4.57 -4.89
CA VAL A 153 -14.51 -4.77 -5.32
C VAL A 153 -15.25 -5.35 -4.13
N VAL A 154 -16.30 -4.67 -3.71
CA VAL A 154 -17.05 -5.04 -2.51
C VAL A 154 -18.47 -5.32 -2.94
N THR A 155 -18.95 -6.52 -2.67
CA THR A 155 -20.29 -6.91 -3.05
C THR A 155 -21.07 -7.40 -1.84
N ASN A 156 -22.40 -7.31 -1.94
CA ASN A 156 -23.29 -7.75 -0.87
C ASN A 156 -23.92 -9.09 -1.25
N CYS B 42 16.62 17.85 -1.37
CA CYS B 42 15.38 17.20 -0.96
C CYS B 42 15.42 15.73 -1.35
N PRO B 43 15.92 14.87 -0.46
CA PRO B 43 16.08 13.45 -0.82
C PRO B 43 14.76 12.69 -0.93
N LEU B 44 13.68 13.18 -0.33
CA LEU B 44 12.41 12.46 -0.28
C LEU B 44 11.27 13.45 -0.43
N MET B 45 10.50 13.30 -1.50
CA MET B 45 9.33 14.14 -1.76
C MET B 45 8.13 13.23 -1.96
N VAL B 46 6.94 13.73 -1.59
CA VAL B 46 5.70 12.99 -1.78
C VAL B 46 4.73 13.84 -2.58
N LYS B 47 4.08 13.24 -3.59
CA LYS B 47 3.08 13.93 -4.38
C LYS B 47 1.81 13.11 -4.38
N VAL B 48 0.67 13.77 -4.21
CA VAL B 48 -0.61 13.08 -4.13
C VAL B 48 -1.62 13.73 -5.07
N LEU B 49 -2.26 12.91 -5.90
CA LEU B 49 -3.26 13.38 -6.87
C LEU B 49 -4.63 12.76 -6.57
N ASP B 50 -5.69 13.49 -6.94
CA ASP B 50 -7.06 13.07 -6.72
C ASP B 50 -7.65 12.72 -8.09
N ALA B 51 -7.97 11.44 -8.28
CA ALA B 51 -8.49 10.92 -9.55
C ALA B 51 -10.00 11.13 -9.74
N VAL B 52 -10.71 11.54 -8.69
CA VAL B 52 -12.14 11.85 -8.80
C VAL B 52 -12.36 13.27 -9.29
N ARG B 53 -11.61 14.21 -8.73
CA ARG B 53 -11.76 15.62 -9.05
C ARG B 53 -10.76 16.11 -10.09
N GLY B 54 -9.75 15.31 -10.42
CA GLY B 54 -8.72 15.73 -11.34
C GLY B 54 -7.91 16.91 -10.85
N SER B 55 -7.38 16.77 -9.64
CA SER B 55 -6.73 17.90 -8.98
C SER B 55 -5.63 17.33 -8.09
N PRO B 56 -4.67 18.15 -7.69
CA PRO B 56 -3.81 17.76 -6.58
C PRO B 56 -4.67 17.48 -5.35
N ALA B 57 -4.19 16.55 -4.52
CA ALA B 57 -4.84 16.25 -3.25
C ALA B 57 -4.19 17.14 -2.19
N ILE B 58 -4.91 18.16 -1.75
CA ILE B 58 -4.39 19.23 -0.91
C ILE B 58 -4.70 18.89 0.55
N ASN B 59 -3.76 19.23 1.44
CA ASN B 59 -3.98 19.10 2.87
C ASN B 59 -4.11 17.63 3.31
N VAL B 60 -3.41 16.75 2.62
CA VAL B 60 -3.38 15.34 2.99
C VAL B 60 -2.24 15.13 3.98
N ALA B 61 -2.55 14.52 5.12
CA ALA B 61 -1.51 14.21 6.09
C ALA B 61 -0.67 13.03 5.63
N VAL B 62 0.64 13.17 5.79
CA VAL B 62 1.60 12.14 5.41
C VAL B 62 2.55 11.94 6.58
N HIS B 63 2.70 10.69 7.02
CA HIS B 63 3.66 10.34 8.07
C HIS B 63 4.68 9.35 7.50
N VAL B 64 5.96 9.62 7.75
CA VAL B 64 7.05 8.76 7.30
C VAL B 64 7.64 8.11 8.54
N PHE B 65 7.91 6.81 8.45
CA PHE B 65 8.49 6.05 9.53
C PHE B 65 9.73 5.33 9.01
N ARG B 66 10.66 5.06 9.92
CA ARG B 66 11.85 4.28 9.61
C ARG B 66 11.82 3.02 10.46
N LYS B 67 12.14 1.88 9.85
CA LYS B 67 12.10 0.63 10.59
C LYS B 67 13.27 0.56 11.56
N ALA B 68 12.97 0.32 12.82
CA ALA B 68 13.98 0.27 13.85
C ALA B 68 14.52 -1.15 14.01
N ALA B 69 15.59 -1.28 14.80
CA ALA B 69 16.28 -2.56 14.95
C ALA B 69 15.35 -3.65 15.49
N ASP B 70 14.40 -3.29 16.34
CA ASP B 70 13.46 -4.26 16.90
C ASP B 70 12.23 -4.48 16.01
N ASP B 71 12.30 -4.09 14.74
CA ASP B 71 11.24 -4.25 13.75
C ASP B 71 10.03 -3.35 13.97
N THR B 72 10.12 -2.36 14.84
CA THR B 72 9.02 -1.43 15.00
C THR B 72 9.20 -0.23 14.07
N TRP B 73 8.12 0.51 13.87
CA TRP B 73 8.11 1.68 12.98
C TRP B 73 8.26 2.92 13.84
N GLU B 74 9.37 3.61 13.69
CA GLU B 74 9.45 4.83 14.48
C GLU B 74 9.27 6.07 13.61
N PRO B 75 8.54 7.07 14.11
CA PRO B 75 8.34 8.30 13.36
C PRO B 75 9.66 8.91 12.91
N PHE B 76 9.66 9.39 11.67
CA PHE B 76 10.83 9.97 11.02
C PHE B 76 10.58 11.38 10.49
N ALA B 77 9.42 11.62 9.90
CA ALA B 77 9.08 12.91 9.33
C ALA B 77 7.60 12.89 9.00
N SER B 78 7.00 14.08 8.92
CA SER B 78 5.59 14.17 8.54
C SER B 78 5.25 15.58 8.09
N GLY B 79 4.08 15.71 7.48
CA GLY B 79 3.64 17.00 6.98
C GLY B 79 2.29 16.85 6.29
N LYS B 80 1.86 17.94 5.67
CA LYS B 80 0.62 17.94 4.90
C LYS B 80 0.91 18.41 3.49
N THR B 81 0.27 17.79 2.50
CA THR B 81 0.52 18.23 1.14
C THR B 81 0.06 19.67 0.94
N SER B 82 0.76 20.36 0.05
CA SER B 82 0.48 21.75 -0.27
C SER B 82 -0.67 21.85 -1.27
N GLU B 83 -0.94 23.08 -1.72
CA GLU B 83 -1.96 23.31 -2.74
C GLU B 83 -1.60 22.66 -4.06
N SER B 84 -0.34 22.32 -4.28
CA SER B 84 0.07 21.61 -5.47
C SER B 84 0.08 20.11 -5.28
N GLY B 85 -0.37 19.63 -4.11
CA GLY B 85 -0.36 18.22 -3.80
C GLY B 85 0.99 17.66 -3.42
N GLU B 86 1.98 18.52 -3.19
CA GLU B 86 3.35 18.09 -2.95
C GLU B 86 3.73 18.34 -1.50
N LEU B 87 4.62 17.52 -0.99
CA LEU B 87 5.14 17.66 0.37
C LEU B 87 6.65 17.62 0.27
N HIS B 88 7.28 18.77 0.47
CA HIS B 88 8.72 18.94 0.38
C HIS B 88 9.28 19.14 1.77
N GLY B 89 10.60 19.06 1.88
CA GLY B 89 11.27 19.36 3.12
C GLY B 89 11.08 18.35 4.22
N LEU B 90 10.73 17.10 3.87
CA LEU B 90 10.52 16.09 4.90
C LEU B 90 11.80 15.76 5.65
N THR B 91 12.92 15.67 4.94
CA THR B 91 14.15 15.20 5.57
C THR B 91 15.34 15.88 4.89
N THR B 92 16.53 15.58 5.39
CA THR B 92 17.77 16.08 4.80
C THR B 92 18.63 14.90 4.40
N GLU B 93 19.61 15.17 3.53
CA GLU B 93 20.51 14.10 3.11
C GLU B 93 21.27 13.50 4.29
N GLU B 94 21.63 14.32 5.28
CA GLU B 94 22.35 13.81 6.43
C GLU B 94 21.52 12.81 7.23
N GLU B 95 20.22 13.06 7.38
CA GLU B 95 19.42 12.19 8.23
C GLU B 95 18.75 11.05 7.48
N PHE B 96 18.72 11.09 6.14
CA PHE B 96 18.02 10.08 5.34
C PHE B 96 18.98 8.97 4.94
N VAL B 97 19.25 8.08 5.89
CA VAL B 97 20.23 7.01 5.70
C VAL B 97 19.56 5.79 5.08
N GLU B 98 20.37 4.85 4.59
CA GLU B 98 19.84 3.58 4.11
C GLU B 98 18.97 2.93 5.17
N GLY B 99 17.95 2.24 4.73
CA GLY B 99 17.01 1.63 5.66
C GLY B 99 15.69 1.37 4.97
N ILE B 100 14.76 0.81 5.74
CA ILE B 100 13.41 0.56 5.27
C ILE B 100 12.52 1.67 5.80
N TYR B 101 11.77 2.30 4.91
CA TYR B 101 10.91 3.41 5.25
C TYR B 101 9.46 3.10 4.88
N LYS B 102 8.54 3.66 5.66
CA LYS B 102 7.11 3.54 5.39
C LYS B 102 6.53 4.94 5.26
N VAL B 103 5.81 5.18 4.17
CA VAL B 103 5.11 6.44 3.96
C VAL B 103 3.63 6.15 4.10
N GLU B 104 3.00 6.70 5.13
CA GLU B 104 1.58 6.51 5.39
C GLU B 104 0.82 7.76 4.98
N ILE B 105 -0.05 7.61 4.00
CA ILE B 105 -0.86 8.72 3.48
C ILE B 105 -2.26 8.57 4.02
N ASP B 106 -2.76 9.59 4.74
CA ASP B 106 -4.09 9.51 5.37
C ASP B 106 -5.18 9.81 4.34
N THR B 107 -5.42 8.83 3.48
CA THR B 107 -6.42 8.95 2.44
C THR B 107 -7.83 8.98 3.00
N LYS B 108 -8.08 8.29 4.12
CA LYS B 108 -9.44 8.23 4.65
C LYS B 108 -9.93 9.60 5.08
N SER B 109 -9.08 10.34 5.80
CA SER B 109 -9.44 11.70 6.22
C SER B 109 -9.60 12.62 5.03
N TYR B 110 -8.78 12.44 3.99
CA TYR B 110 -8.92 13.26 2.79
C TYR B 110 -10.30 13.08 2.16
N TRP B 111 -10.72 11.83 1.98
CA TRP B 111 -12.02 11.57 1.34
C TRP B 111 -13.15 12.05 2.22
N LYS B 112 -13.02 11.89 3.54
CA LYS B 112 -14.09 12.34 4.43
C LYS B 112 -14.26 13.86 4.37
N ALA B 113 -13.15 14.60 4.27
CA ALA B 113 -13.26 16.06 4.19
C ALA B 113 -13.97 16.51 2.92
N LEU B 114 -13.95 15.70 1.86
CA LEU B 114 -14.68 15.99 0.63
C LEU B 114 -16.08 15.40 0.62
N GLY B 115 -16.49 14.75 1.70
CA GLY B 115 -17.80 14.13 1.75
C GLY B 115 -17.94 12.90 0.87
N ILE B 116 -16.85 12.17 0.66
CA ILE B 116 -16.82 11.01 -0.23
C ILE B 116 -16.46 9.78 0.57
N SER B 117 -17.18 8.68 0.34
CA SER B 117 -17.05 7.48 1.15
C SER B 117 -15.86 6.65 0.69
N PRO B 118 -14.82 6.48 1.53
CA PRO B 118 -13.63 5.72 1.11
C PRO B 118 -13.57 4.27 1.58
N PHE B 119 -12.73 3.47 0.92
CA PHE B 119 -12.49 2.09 1.29
C PHE B 119 -11.32 1.92 2.26
N HIS B 120 -10.16 2.50 1.95
CA HIS B 120 -8.94 2.22 2.69
C HIS B 120 -8.85 3.08 3.94
N GLU B 121 -8.19 2.53 4.97
CA GLU B 121 -7.85 3.36 6.13
C GLU B 121 -6.80 4.39 5.77
N HIS B 122 -5.82 4.00 4.96
CA HIS B 122 -4.75 4.86 4.51
C HIS B 122 -4.09 4.14 3.35
N ALA B 123 -3.10 4.80 2.75
CA ALA B 123 -2.23 4.17 1.77
C ALA B 123 -0.85 4.09 2.39
N GLU B 124 -0.23 2.91 2.31
CA GLU B 124 1.08 2.64 2.91
C GLU B 124 2.05 2.27 1.81
N VAL B 125 3.16 3.00 1.71
CA VAL B 125 4.20 2.75 0.73
C VAL B 125 5.47 2.40 1.50
N VAL B 126 5.94 1.16 1.35
CA VAL B 126 7.07 0.66 2.13
C VAL B 126 8.19 0.27 1.16
N PHE B 127 9.39 0.77 1.42
CA PHE B 127 10.48 0.62 0.48
C PHE B 127 11.82 0.69 1.20
N THR B 128 12.84 0.13 0.58
CA THR B 128 14.22 0.25 1.07
C THR B 128 14.91 1.39 0.33
N ALA B 129 15.54 2.29 1.09
CA ALA B 129 16.42 3.29 0.51
C ALA B 129 17.82 2.69 0.43
N ASN B 130 18.41 2.75 -0.76
CA ASN B 130 19.72 2.15 -1.02
C ASN B 130 20.63 3.22 -1.61
N ASP B 131 21.82 3.36 -1.04
CA ASP B 131 22.82 4.29 -1.55
C ASP B 131 23.47 3.67 -2.77
N SER B 132 23.22 4.24 -3.94
CA SER B 132 23.89 3.81 -5.17
C SER B 132 24.04 5.08 -6.01
N GLY B 133 25.16 5.77 -5.82
CA GLY B 133 25.32 7.09 -6.37
C GLY B 133 24.28 8.05 -5.81
N PRO B 134 24.25 9.28 -6.33
CA PRO B 134 23.24 10.24 -5.86
C PRO B 134 21.84 9.79 -6.23
N ARG B 135 20.91 9.90 -5.27
CA ARG B 135 19.54 9.46 -5.48
C ARG B 135 18.56 10.38 -4.77
N ARG B 136 17.57 10.85 -5.50
CA ARG B 136 16.40 11.53 -4.95
C ARG B 136 15.19 10.63 -5.14
N TYR B 137 14.33 10.56 -4.14
CA TYR B 137 13.14 9.70 -4.17
C TYR B 137 11.89 10.56 -4.21
N THR B 138 11.05 10.33 -5.21
CA THR B 138 9.70 10.90 -5.25
C THR B 138 8.70 9.77 -5.19
N ILE B 139 7.83 9.81 -4.18
CA ILE B 139 6.76 8.83 -4.01
C ILE B 139 5.48 9.52 -4.46
N ALA B 140 4.87 9.06 -5.54
CA ALA B 140 3.62 9.63 -6.04
C ALA B 140 2.48 8.66 -5.77
N ALA B 141 1.32 9.21 -5.42
CA ALA B 141 0.13 8.40 -5.17
C ALA B 141 -1.05 9.02 -5.88
N LEU B 142 -1.80 8.19 -6.60
CA LEU B 142 -2.99 8.59 -7.34
C LEU B 142 -4.19 7.96 -6.65
N LEU B 143 -5.08 8.78 -6.11
CA LEU B 143 -6.10 8.33 -5.18
C LEU B 143 -7.49 8.29 -5.82
N SER B 144 -8.19 7.19 -5.61
CA SER B 144 -9.62 7.03 -5.86
C SER B 144 -10.25 6.45 -4.61
N PRO B 145 -11.56 6.53 -4.46
CA PRO B 145 -12.14 6.11 -3.18
C PRO B 145 -11.93 4.63 -2.88
N TYR B 146 -11.94 3.76 -3.91
CA TYR B 146 -11.76 2.32 -3.74
C TYR B 146 -10.50 1.80 -4.43
N SER B 147 -9.57 2.68 -4.77
CA SER B 147 -8.35 2.25 -5.44
C SER B 147 -7.28 3.30 -5.23
N TYR B 148 -6.03 2.86 -5.18
CA TYR B 148 -4.96 3.82 -5.36
C TYR B 148 -3.79 3.19 -6.08
N SER B 149 -3.02 4.04 -6.74
CA SER B 149 -1.80 3.65 -7.40
C SER B 149 -0.66 4.41 -6.77
N THR B 150 0.50 3.77 -6.69
CA THR B 150 1.67 4.48 -6.23
C THR B 150 2.85 4.09 -7.10
N THR B 151 3.73 5.06 -7.33
CA THR B 151 4.94 4.82 -8.11
CA THR B 151 4.92 4.84 -8.13
C THR B 151 6.07 5.60 -7.49
N ALA B 152 7.28 5.17 -7.80
CA ALA B 152 8.48 5.81 -7.28
C ALA B 152 9.26 6.34 -8.46
N VAL B 153 9.70 7.58 -8.36
CA VAL B 153 10.60 8.18 -9.34
C VAL B 153 11.91 8.40 -8.60
N VAL B 154 12.95 7.66 -9.01
CA VAL B 154 14.25 7.70 -8.33
C VAL B 154 15.24 8.25 -9.34
N THR B 155 15.77 9.44 -9.08
CA THR B 155 16.61 10.14 -10.04
C THR B 155 17.96 10.48 -9.41
N ASN B 156 18.88 10.88 -10.28
CA ASN B 156 20.23 11.26 -9.86
C ASN B 156 20.32 12.78 -9.81
OAA B1T C . -7.12 -7.69 -11.14
CAP B1T C . -7.78 -6.70 -11.81
CAN B1T C . -7.21 -5.43 -11.86
CLAE B1T C . -5.70 -5.10 -11.11
CAG B1T C . -7.89 -4.43 -12.55
CAL B1T C . -9.11 -4.70 -13.16
CLAC B1T C . -9.93 -3.43 -14.01
CAI B1T C . -9.67 -5.98 -13.09
CAR B1T C . -9.00 -6.99 -12.41
SAK B1T C . -9.68 -8.58 -12.30
CAS B1T C . -10.78 -8.30 -10.96
CAJ B1T C . -10.45 -7.40 -9.94
CAM B1T C . -11.33 -7.20 -8.88
CLAD B1T C . -10.95 -6.10 -7.61
CAH B1T C . -12.55 -7.88 -8.85
CAO B1T C . -12.89 -8.77 -9.87
CLAF B1T C . -14.38 -9.59 -9.81
CAQ B1T C . -11.99 -8.95 -10.90
OAB B1T C . -12.31 -9.83 -11.90
CA CA D . -20.62 -2.29 12.85
CA CA E . 23.51 -0.85 -0.13
#